data_5HLY
#
_entry.id   5HLY
#
_cell.length_a   46.561
_cell.length_b   46.561
_cell.length_c   444.921
_cell.angle_alpha   90.00
_cell.angle_beta   90.00
_cell.angle_gamma   120.00
#
_symmetry.space_group_name_H-M   'P 61 2 2'
#
loop_
_entity.id
_entity.type
_entity.pdbx_description
1 polymer 'Inhibin beta A chain'
2 non-polymer 'CHLORIDE ION'
3 water water
#
_entity_poly.entity_id   1
_entity_poly.type   'polypeptide(L)'
_entity_poly.pdbx_seq_one_letter_code
;(MSE)SHHHHHHS(MSE)SAAPDSPSSALAALPKDVPNSQPE(MSE)VEAVKKHILN(MSE)LHLKKRPDVTQPVPKAAL
LNAIRKLHVGKVGENGYVEIEDDIGRRAE(MSE)NEL(MSE)EQTSEIITFAESGTARKTLHFEISKEGSDLSVVERAEV
WLFLKVPKANRTRTKVTIRLFQQQKHPQGSLDTGEEAEEVGLKGERSELLLSEKVVDARKSTWHVFPVSSSIQRLLDQGK
SSLDVRIACEQCQESGASLVLLGEEKEQSHRPFL(MSE)LQARQSEDHPHRRRRRGLECDGKVNICCKKQFFVSFKDIGW
NDWIIAPSGYHANYCEGECPSHIAGTSGSSLSFHSTVINHYR(MSE)RGHSPFANLKSCCVPTKLRP(MSE)S(MSE)LY
YDDGQNIIKKDIQN(MSE)IVEECGCS
;
_entity_poly.pdbx_strand_id   A
#
# COMPACT_ATOMS: atom_id res chain seq x y z
N GLN A 32 -30.58 -10.89 -19.88
CA GLN A 32 -30.13 -11.08 -18.51
C GLN A 32 -29.90 -12.56 -18.15
N PRO A 33 -30.80 -13.46 -18.57
CA PRO A 33 -30.46 -14.87 -18.34
C PRO A 33 -29.25 -15.31 -19.14
N GLU A 34 -29.08 -14.71 -20.31
CA GLU A 34 -27.94 -15.02 -21.16
C GLU A 34 -26.64 -14.49 -20.55
N VAL A 36 -26.16 -14.15 -17.25
CA VAL A 36 -25.91 -15.06 -16.14
C VAL A 36 -25.30 -16.36 -16.67
N GLU A 37 -25.81 -16.86 -17.79
CA GLU A 37 -25.24 -18.07 -18.38
C GLU A 37 -23.79 -17.84 -18.79
N ALA A 38 -23.51 -16.66 -19.33
CA ALA A 38 -22.16 -16.32 -19.77
C ALA A 38 -21.19 -16.28 -18.59
N VAL A 39 -21.60 -15.63 -17.52
CA VAL A 39 -20.79 -15.56 -16.30
C VAL A 39 -20.54 -16.97 -15.77
N LYS A 40 -21.59 -17.79 -15.74
CA LYS A 40 -21.47 -19.16 -15.26
C LYS A 40 -20.46 -19.95 -16.08
N LYS A 41 -20.57 -19.88 -17.40
CA LYS A 41 -19.61 -20.53 -18.29
C LYS A 41 -18.19 -20.04 -18.03
N HIS A 42 -18.05 -18.74 -17.78
CA HIS A 42 -16.74 -18.16 -17.49
C HIS A 42 -16.14 -18.78 -16.23
N ILE A 43 -16.93 -18.81 -15.16
CA ILE A 43 -16.52 -19.40 -13.89
C ILE A 43 -16.12 -20.85 -14.05
N LEU A 44 -16.96 -21.62 -14.74
CA LEU A 44 -16.68 -23.04 -14.96
C LEU A 44 -15.38 -23.24 -15.74
N ASN A 45 -15.16 -22.38 -16.74
CA ASN A 45 -13.96 -22.47 -17.54
C ASN A 45 -12.71 -22.19 -16.71
N LEU A 47 -12.37 -22.67 -13.63
CA LEU A 47 -12.22 -23.72 -12.62
C LEU A 47 -11.91 -25.07 -13.27
N HIS A 48 -11.75 -25.06 -14.59
CA HIS A 48 -11.51 -26.28 -15.36
C HIS A 48 -12.59 -27.33 -15.12
N LEU A 49 -13.84 -26.88 -15.08
CA LEU A 49 -14.98 -27.78 -14.95
C LEU A 49 -15.84 -27.70 -16.20
N LYS A 50 -16.34 -28.85 -16.64
CA LYS A 50 -17.21 -28.92 -17.81
C LYS A 50 -18.61 -28.43 -17.45
N LYS A 51 -18.98 -28.57 -16.17
CA LYS A 51 -20.26 -28.11 -15.67
C LYS A 51 -20.23 -28.07 -14.14
N ARG A 52 -21.23 -27.43 -13.54
CA ARG A 52 -21.30 -27.35 -12.08
C ARG A 52 -21.60 -28.72 -11.50
N PRO A 53 -21.09 -29.00 -10.30
CA PRO A 53 -21.29 -30.29 -9.64
C PRO A 53 -22.77 -30.60 -9.42
N ASP A 54 -23.16 -31.86 -9.65
CA ASP A 54 -24.52 -32.31 -9.40
C ASP A 54 -24.89 -32.05 -7.95
N VAL A 55 -26.16 -31.74 -7.71
CA VAL A 55 -26.62 -31.54 -6.35
C VAL A 55 -26.49 -32.85 -5.60
N THR A 56 -26.34 -32.74 -4.28
CA THR A 56 -26.24 -33.90 -3.42
C THR A 56 -26.32 -33.43 -1.99
N GLN A 57 -26.65 -34.35 -1.09
CA GLN A 57 -26.56 -34.07 0.34
C GLN A 57 -25.09 -34.01 0.70
N PRO A 58 -24.56 -32.81 0.94
CA PRO A 58 -23.12 -32.68 1.12
C PRO A 58 -22.68 -33.17 2.49
N VAL A 59 -21.38 -33.07 2.76
CA VAL A 59 -20.85 -33.28 4.09
C VAL A 59 -21.53 -32.26 5.01
N PRO A 60 -22.01 -32.70 6.18
CA PRO A 60 -22.67 -31.84 7.16
C PRO A 60 -21.91 -30.55 7.42
N LYS A 61 -22.64 -29.46 7.64
CA LYS A 61 -22.03 -28.13 7.74
C LYS A 61 -21.08 -28.01 8.92
N ALA A 62 -21.36 -28.73 10.01
CA ALA A 62 -20.49 -28.69 11.19
C ALA A 62 -19.11 -29.22 10.85
N ALA A 63 -19.08 -30.36 10.16
CA ALA A 63 -17.84 -30.98 9.70
C ALA A 63 -17.05 -30.05 8.79
N LEU A 64 -17.75 -29.47 7.82
CA LEU A 64 -17.15 -28.52 6.88
C LEU A 64 -16.51 -27.35 7.60
N LEU A 65 -17.30 -26.66 8.41
CA LEU A 65 -16.84 -25.48 9.13
C LEU A 65 -15.64 -25.81 10.02
N ASN A 66 -15.74 -26.93 10.74
CA ASN A 66 -14.65 -27.33 11.61
C ASN A 66 -13.38 -27.58 10.79
N ALA A 67 -13.53 -28.24 9.65
CA ALA A 67 -12.38 -28.59 8.83
C ALA A 67 -11.71 -27.34 8.24
N ILE A 68 -12.50 -26.41 7.69
CA ILE A 68 -11.92 -25.22 7.08
C ILE A 68 -11.39 -24.28 8.17
N ARG A 69 -11.89 -24.43 9.38
CA ARG A 69 -11.39 -23.65 10.51
C ARG A 69 -10.03 -24.18 10.97
N LYS A 70 -9.91 -25.49 11.12
CA LYS A 70 -8.68 -26.11 11.62
C LYS A 70 -7.54 -26.00 10.60
N LEU A 71 -7.86 -26.06 9.32
CA LEU A 71 -6.86 -25.95 8.27
C LEU A 71 -6.56 -24.49 7.94
N HIS A 72 -7.28 -23.59 8.60
CA HIS A 72 -7.16 -22.15 8.36
C HIS A 72 -7.42 -21.80 6.90
N VAL A 73 -8.36 -22.52 6.30
CA VAL A 73 -8.73 -22.29 4.91
C VAL A 73 -9.80 -21.22 4.83
N GLY A 74 -10.75 -21.29 5.75
CA GLY A 74 -11.82 -20.32 5.82
C GLY A 74 -12.19 -19.96 7.24
N LYS A 75 -12.23 -18.66 7.53
CA LYS A 75 -12.67 -18.18 8.83
C LYS A 75 -14.19 -18.11 8.87
N VAL A 76 -14.75 -18.59 9.97
CA VAL A 76 -16.19 -18.72 10.11
C VAL A 76 -16.67 -17.89 11.30
N GLY A 77 -17.63 -17.01 11.06
CA GLY A 77 -18.30 -16.31 12.14
C GLY A 77 -19.50 -17.13 12.55
N GLU A 78 -20.25 -16.67 13.56
CA GLU A 78 -21.45 -17.38 13.96
C GLU A 78 -22.51 -17.25 12.87
N ASN A 79 -23.57 -18.04 12.99
CA ASN A 79 -24.64 -18.12 11.99
C ASN A 79 -24.14 -18.75 10.68
N GLY A 80 -22.87 -19.13 10.64
CA GLY A 80 -22.32 -19.88 9.52
C GLY A 80 -21.90 -19.09 8.29
N TYR A 81 -21.48 -17.85 8.48
CA TYR A 81 -20.98 -17.05 7.36
C TYR A 81 -19.49 -17.34 7.16
N VAL A 82 -19.11 -17.69 5.93
CA VAL A 82 -17.75 -18.12 5.65
C VAL A 82 -16.99 -17.10 4.83
N GLU A 83 -15.80 -16.75 5.28
CA GLU A 83 -14.87 -15.96 4.49
C GLU A 83 -13.60 -16.76 4.26
N ILE A 84 -12.89 -16.48 3.18
CA ILE A 84 -11.63 -17.18 2.91
C ILE A 84 -10.51 -16.51 3.69
N GLU A 85 -9.74 -17.31 4.43
CA GLU A 85 -8.71 -16.78 5.32
C GLU A 85 -7.50 -16.26 4.55
N ASP A 86 -7.00 -17.03 3.59
CA ASP A 86 -5.87 -16.62 2.78
C ASP A 86 -6.34 -16.19 1.39
N ASP A 87 -7.11 -15.10 1.34
CA ASP A 87 -7.65 -14.60 0.08
C ASP A 87 -6.54 -13.93 -0.73
N ILE A 88 -6.36 -14.40 -1.96
CA ILE A 88 -5.32 -13.86 -2.83
C ILE A 88 -5.74 -12.47 -3.33
N GLY A 89 -7.04 -12.21 -3.31
CA GLY A 89 -7.56 -10.92 -3.71
C GLY A 89 -7.14 -9.81 -2.78
N ARG A 90 -7.09 -10.13 -1.47
CA ARG A 90 -6.63 -9.17 -0.47
C ARG A 90 -5.16 -8.85 -0.71
N ARG A 91 -4.40 -9.88 -1.07
CA ARG A 91 -2.99 -9.71 -1.40
C ARG A 91 -2.86 -8.81 -2.62
N ALA A 92 -3.77 -8.97 -3.58
CA ALA A 92 -3.79 -8.12 -4.75
C ALA A 92 -4.03 -6.66 -4.37
N GLU A 93 -5.01 -6.44 -3.50
CA GLU A 93 -5.31 -5.08 -3.05
C GLU A 93 -4.10 -4.47 -2.35
N ASN A 95 -0.98 -5.25 -2.90
CA ASN A 95 -0.03 -4.94 -3.97
C ASN A 95 -0.37 -3.61 -4.65
N GLU A 96 -1.66 -3.37 -4.88
CA GLU A 96 -2.08 -2.11 -5.49
C GLU A 96 -1.76 -0.94 -4.57
N LEU A 97 -1.94 -1.13 -3.27
CA LEU A 97 -1.54 -0.14 -2.28
C LEU A 97 -0.05 0.17 -2.39
N GLU A 99 1.63 -0.14 -5.06
CA GLU A 99 1.79 0.49 -6.37
C GLU A 99 1.39 1.95 -6.32
N GLN A 100 0.64 2.33 -5.29
CA GLN A 100 0.27 3.73 -5.12
C GLN A 100 1.18 4.44 -4.12
N THR A 101 2.11 3.68 -3.53
CA THR A 101 2.96 4.21 -2.47
C THR A 101 4.41 4.40 -2.93
N SER A 102 4.96 5.57 -2.68
CA SER A 102 6.37 5.82 -2.98
C SER A 102 7.17 6.10 -1.71
N GLU A 103 8.42 5.64 -1.72
CA GLU A 103 9.34 5.89 -0.61
C GLU A 103 10.52 6.71 -1.10
N ILE A 104 10.71 7.85 -0.46
CA ILE A 104 11.68 8.86 -0.89
C ILE A 104 12.74 9.03 0.17
N ILE A 105 14.00 8.98 -0.25
CA ILE A 105 15.12 9.26 0.63
C ILE A 105 15.77 10.55 0.17
N THR A 106 15.72 11.57 1.02
CA THR A 106 16.30 12.87 0.72
C THR A 106 17.52 13.09 1.60
N PHE A 107 18.69 13.22 1.00
CA PHE A 107 19.88 13.47 1.80
C PHE A 107 20.03 14.96 2.07
N ALA A 108 20.52 15.27 3.26
CA ALA A 108 20.62 16.65 3.70
C ALA A 108 21.71 17.40 2.95
N GLU A 109 21.41 18.65 2.59
CA GLU A 109 22.42 19.55 2.07
C GLU A 109 22.83 20.50 3.18
N SER A 110 24.04 21.03 3.12
CA SER A 110 24.52 21.92 4.15
C SER A 110 23.71 23.21 4.17
N GLY A 111 23.31 23.63 5.37
CA GLY A 111 22.59 24.88 5.52
C GLY A 111 23.55 26.06 5.49
N THR A 112 22.99 27.26 5.42
CA THR A 112 23.79 28.47 5.42
C THR A 112 24.28 28.80 6.83
N ALA A 113 23.52 28.35 7.83
CA ALA A 113 23.84 28.62 9.23
C ALA A 113 24.47 27.41 9.92
N ARG A 114 24.97 27.64 11.14
CA ARG A 114 25.57 26.58 11.94
C ARG A 114 24.54 25.53 12.35
N LYS A 115 24.95 24.27 12.29
CA LYS A 115 24.13 23.14 12.71
C LYS A 115 22.78 23.11 11.99
N THR A 116 22.80 23.48 10.72
CA THR A 116 21.59 23.52 9.91
C THR A 116 21.75 22.62 8.68
N LEU A 117 20.68 21.89 8.35
CA LEU A 117 20.64 21.00 7.20
C LEU A 117 19.56 21.45 6.24
N HIS A 118 19.80 21.31 4.94
CA HIS A 118 18.76 21.63 3.97
C HIS A 118 18.28 20.36 3.25
N PHE A 119 16.97 20.18 3.24
CA PHE A 119 16.35 19.05 2.56
C PHE A 119 15.51 19.54 1.39
N GLU A 120 15.90 19.13 0.20
CA GLU A 120 15.15 19.46 -1.00
C GLU A 120 14.39 18.23 -1.47
N ILE A 121 13.15 18.10 -0.99
CA ILE A 121 12.34 16.92 -1.27
C ILE A 121 11.92 16.88 -2.74
N SER A 122 12.07 15.71 -3.35
CA SER A 122 11.69 15.50 -4.75
C SER A 122 10.23 15.86 -5.02
N LYS A 123 9.94 16.29 -6.25
CA LYS A 123 8.59 16.65 -6.66
C LYS A 123 7.62 15.48 -6.54
N GLU A 124 8.17 14.27 -6.51
CA GLU A 124 7.38 13.05 -6.29
C GLU A 124 6.48 13.21 -5.07
N GLY A 125 7.06 13.68 -3.97
CA GLY A 125 6.33 13.90 -2.74
C GLY A 125 5.18 14.90 -2.86
N SER A 126 5.27 15.78 -3.85
CA SER A 126 4.20 16.74 -4.10
C SER A 126 3.02 16.08 -4.82
N ASP A 127 3.31 15.07 -5.63
CA ASP A 127 2.27 14.32 -6.33
C ASP A 127 1.47 13.49 -5.35
N LEU A 128 2.16 12.97 -4.34
CA LEU A 128 1.54 12.13 -3.32
C LEU A 128 0.85 13.00 -2.26
N SER A 129 -0.37 12.63 -1.92
CA SER A 129 -1.18 13.44 -1.01
C SER A 129 -1.02 13.03 0.44
N VAL A 130 -1.12 11.73 0.72
CA VAL A 130 -1.13 11.24 2.09
C VAL A 130 0.26 10.81 2.56
N VAL A 131 0.71 11.37 3.67
CA VAL A 131 1.99 11.00 4.26
C VAL A 131 1.79 9.86 5.24
N GLU A 132 2.19 8.66 4.84
CA GLU A 132 2.05 7.49 5.69
C GLU A 132 3.07 7.53 6.82
N ARG A 133 4.30 7.90 6.50
CA ARG A 133 5.31 8.09 7.55
C ARG A 133 6.50 8.91 7.08
N ALA A 134 7.18 9.55 8.02
CA ALA A 134 8.37 10.33 7.70
C ALA A 134 9.30 10.34 8.89
N GLU A 135 10.58 10.09 8.64
CA GLU A 135 11.56 10.00 9.71
C GLU A 135 12.79 10.82 9.35
N VAL A 136 13.46 11.35 10.36
CA VAL A 136 14.77 11.96 10.15
C VAL A 136 15.81 11.08 10.83
N TRP A 137 16.79 10.64 10.04
CA TRP A 137 17.86 9.80 10.56
C TRP A 137 19.12 10.62 10.76
N LEU A 138 19.56 10.65 12.01
CA LEU A 138 20.79 11.36 12.41
C LEU A 138 21.73 10.41 13.11
N PHE A 139 23.01 10.44 12.74
CA PHE A 139 23.98 9.55 13.38
C PHE A 139 24.71 10.25 14.52
N LEU A 140 24.51 9.72 15.73
CA LEU A 140 25.21 10.21 16.91
C LEU A 140 26.52 9.47 17.07
N LYS A 141 27.62 10.21 16.91
CA LYS A 141 28.96 9.65 16.97
C LYS A 141 29.56 9.83 18.36
N VAL A 142 29.85 8.73 19.03
CA VAL A 142 30.47 8.77 20.35
C VAL A 142 31.83 8.09 20.27
N PRO A 143 32.88 8.87 20.00
CA PRO A 143 34.26 8.38 19.81
C PRO A 143 34.76 7.53 20.98
N LYS A 144 34.57 8.03 22.20
CA LYS A 144 34.90 7.28 23.40
C LYS A 144 33.67 7.08 24.25
N ALA A 145 33.36 5.83 24.57
CA ALA A 145 32.15 5.49 25.32
C ALA A 145 32.06 6.25 26.64
N ASN A 146 30.86 6.66 27.00
CA ASN A 146 30.65 7.50 28.16
C ASN A 146 29.31 7.17 28.84
N ARG A 147 29.37 6.60 30.04
CA ARG A 147 28.17 6.20 30.76
C ARG A 147 27.54 7.37 31.52
N THR A 148 28.38 8.24 32.07
CA THR A 148 27.90 9.46 32.71
C THR A 148 27.12 10.30 31.70
N ARG A 149 26.06 10.94 32.16
CA ARG A 149 25.14 11.64 31.25
C ARG A 149 24.73 10.68 30.14
N THR A 150 24.11 9.57 30.53
CA THR A 150 23.75 8.51 29.60
C THR A 150 22.84 9.01 28.47
N LYS A 151 21.95 9.94 28.79
CA LYS A 151 20.95 10.37 27.82
C LYS A 151 21.01 11.87 27.55
N VAL A 152 20.84 12.22 26.28
CA VAL A 152 20.89 13.61 25.85
C VAL A 152 19.62 13.94 25.08
N THR A 153 19.21 15.21 25.13
CA THR A 153 18.02 15.66 24.45
C THR A 153 18.36 16.35 23.13
N ILE A 154 17.93 15.74 22.03
CA ILE A 154 18.13 16.30 20.71
C ILE A 154 16.85 16.98 20.25
N ARG A 155 16.97 18.19 19.71
CA ARG A 155 15.81 18.88 19.16
C ARG A 155 16.03 19.28 17.70
N LEU A 156 14.98 19.10 16.91
CA LEU A 156 14.95 19.46 15.51
C LEU A 156 13.97 20.59 15.31
N PHE A 157 14.49 21.71 14.81
CA PHE A 157 13.72 22.92 14.57
C PHE A 157 13.59 23.21 13.08
N GLN A 158 12.37 23.24 12.58
CA GLN A 158 12.14 23.63 11.19
C GLN A 158 12.15 25.16 11.08
N GLN A 159 13.12 25.68 10.33
CA GLN A 159 13.26 27.12 10.16
C GLN A 159 12.35 27.65 9.06
N GLN A 160 11.24 28.24 9.47
CA GLN A 160 10.29 28.82 8.53
C GLN A 160 10.34 30.34 8.59
N LYS A 161 10.04 30.99 7.48
CA LYS A 161 10.01 32.44 7.45
C LYS A 161 8.60 32.97 7.26
N HIS A 162 8.33 34.13 7.83
CA HIS A 162 6.99 34.73 7.85
C HIS A 162 5.98 33.75 8.44
N GLU A 181 9.54 37.82 10.81
CA GLU A 181 10.40 37.38 9.72
C GLU A 181 10.72 35.89 9.83
N ARG A 182 11.40 35.50 10.90
CA ARG A 182 11.80 34.11 11.08
C ARG A 182 11.26 33.51 12.37
N SER A 183 10.67 32.32 12.25
CA SER A 183 10.20 31.58 13.41
C SER A 183 10.59 30.11 13.26
N GLU A 184 10.68 29.40 14.37
CA GLU A 184 11.11 28.00 14.32
C GLU A 184 10.05 27.07 14.89
N LEU A 185 9.72 26.03 14.13
CA LEU A 185 8.78 24.99 14.57
C LEU A 185 9.55 23.85 15.20
N LEU A 186 9.00 23.28 16.27
CA LEU A 186 9.62 22.12 16.88
C LEU A 186 9.26 20.88 16.07
N LEU A 187 10.15 20.54 15.13
CA LEU A 187 10.01 19.32 14.35
C LEU A 187 10.00 18.11 15.27
N SER A 188 11.02 18.01 16.12
CA SER A 188 11.09 16.83 16.98
C SER A 188 11.89 17.07 18.26
N GLU A 189 11.40 16.54 19.37
CA GLU A 189 12.13 16.63 20.63
C GLU A 189 12.30 15.24 21.20
N LYS A 190 13.49 14.67 21.03
CA LYS A 190 13.71 13.28 21.39
C LYS A 190 14.84 13.10 22.38
N VAL A 191 14.62 12.23 23.36
CA VAL A 191 15.64 11.87 24.33
C VAL A 191 16.32 10.59 23.88
N VAL A 192 17.62 10.65 23.64
CA VAL A 192 18.33 9.50 23.12
C VAL A 192 19.48 9.07 24.04
N ASP A 193 19.91 7.83 23.85
CA ASP A 193 21.02 7.27 24.61
C ASP A 193 22.34 7.63 23.94
N ALA A 194 23.31 8.06 24.75
CA ALA A 194 24.60 8.48 24.23
C ALA A 194 25.72 7.58 24.74
N ARG A 195 25.45 6.29 24.81
CA ARG A 195 26.45 5.32 25.25
C ARG A 195 27.42 4.97 24.13
N LYS A 196 26.86 4.57 22.99
CA LYS A 196 27.68 4.19 21.83
C LYS A 196 27.27 4.99 20.59
N SER A 197 28.12 4.97 19.57
CA SER A 197 27.81 5.61 18.31
C SER A 197 26.70 4.83 17.60
N THR A 198 25.59 5.49 17.32
CA THR A 198 24.49 4.80 16.66
C THR A 198 23.57 5.76 15.92
N TRP A 199 22.70 5.20 15.09
CA TRP A 199 21.69 5.99 14.40
C TRP A 199 20.52 6.29 15.33
N HIS A 200 19.89 7.43 15.12
CA HIS A 200 18.69 7.79 15.84
C HIS A 200 17.62 8.27 14.87
N VAL A 201 16.39 7.84 15.14
CA VAL A 201 15.24 8.07 14.27
C VAL A 201 14.27 9.06 14.89
N PHE A 202 13.92 10.09 14.12
CA PHE A 202 13.06 11.16 14.60
C PHE A 202 11.78 11.22 13.78
N PRO A 203 10.69 10.67 14.32
CA PRO A 203 9.39 10.67 13.62
C PRO A 203 8.90 12.09 13.36
N VAL A 204 8.61 12.41 12.10
CA VAL A 204 8.18 13.74 11.73
C VAL A 204 7.01 13.67 10.75
N SER A 205 6.23 12.60 10.84
CA SER A 205 5.13 12.36 9.91
C SER A 205 4.20 13.55 9.71
N SER A 206 3.57 14.00 10.80
CA SER A 206 2.57 15.06 10.71
C SER A 206 3.14 16.38 10.24
N SER A 207 4.41 16.62 10.56
CA SER A 207 5.06 17.88 10.20
C SER A 207 5.39 17.93 8.72
N ILE A 208 5.83 16.80 8.18
CA ILE A 208 6.10 16.68 6.76
C ILE A 208 4.77 16.71 6.01
N GLN A 209 3.74 16.16 6.62
CA GLN A 209 2.41 16.20 6.04
C GLN A 209 1.92 17.65 5.94
N ARG A 210 2.14 18.42 7.00
CA ARG A 210 1.77 19.83 6.99
C ARG A 210 2.58 20.60 5.96
N LEU A 211 3.87 20.24 5.83
CA LEU A 211 4.74 20.88 4.86
C LEU A 211 4.25 20.65 3.44
N LEU A 212 3.90 19.40 3.12
CA LEU A 212 3.41 19.06 1.80
C LEU A 212 2.04 19.67 1.54
N ASP A 213 1.24 19.77 2.60
CA ASP A 213 -0.08 20.39 2.49
C ASP A 213 0.03 21.88 2.21
N GLN A 214 1.13 22.50 2.64
CA GLN A 214 1.39 23.90 2.35
C GLN A 214 1.95 24.07 0.94
N GLY A 215 2.14 22.96 0.24
CA GLY A 215 2.64 22.99 -1.12
C GLY A 215 4.11 23.32 -1.20
N LYS A 216 4.86 22.87 -0.20
CA LYS A 216 6.31 23.11 -0.16
C LYS A 216 7.07 21.80 -0.08
N SER A 217 8.28 21.80 -0.62
CA SER A 217 9.13 20.62 -0.60
C SER A 217 10.52 20.98 -0.09
N SER A 218 10.65 22.21 0.41
CA SER A 218 11.92 22.68 0.97
C SER A 218 11.85 22.63 2.50
N LEU A 219 12.92 22.17 3.13
CA LEU A 219 12.93 22.03 4.58
C LEU A 219 14.28 22.31 5.20
N ASP A 220 14.41 23.42 5.92
CA ASP A 220 15.65 23.72 6.62
C ASP A 220 15.54 23.37 8.10
N VAL A 221 16.49 22.59 8.60
CA VAL A 221 16.42 22.06 9.95
C VAL A 221 17.63 22.46 10.78
N ARG A 222 17.42 23.26 11.83
CA ARG A 222 18.47 23.49 12.81
C ARG A 222 18.40 22.38 13.85
N ILE A 223 19.57 21.86 14.23
CA ILE A 223 19.63 20.79 15.21
C ILE A 223 20.31 21.29 16.48
N ALA A 224 19.72 20.99 17.62
CA ALA A 224 20.25 21.41 18.91
C ALA A 224 20.48 20.23 19.84
N CYS A 225 21.67 20.18 20.43
CA CYS A 225 21.99 19.17 21.43
C CYS A 225 23.07 19.68 22.37
N GLU A 226 22.68 20.49 23.34
CA GLU A 226 23.64 21.12 24.24
C GLU A 226 24.34 20.12 25.16
N GLN A 227 23.72 18.96 25.37
CA GLN A 227 24.26 17.95 26.28
C GLN A 227 25.17 16.95 25.58
N CYS A 228 25.30 17.08 24.27
CA CYS A 228 26.01 16.08 23.47
C CYS A 228 27.50 15.97 23.79
N GLN A 229 28.19 17.10 23.92
CA GLN A 229 29.63 17.05 24.15
C GLN A 229 29.92 16.66 25.60
N GLU A 230 28.98 16.92 26.50
CA GLU A 230 29.08 16.45 27.87
C GLU A 230 29.24 14.94 27.88
N SER A 231 28.48 14.27 27.02
CA SER A 231 28.53 12.82 26.89
C SER A 231 29.62 12.40 25.90
N GLY A 232 30.44 13.37 25.49
CA GLY A 232 31.46 13.11 24.50
C GLY A 232 30.90 12.69 23.17
N ALA A 233 29.70 13.19 22.85
CA ALA A 233 29.01 12.80 21.62
C ALA A 233 28.96 13.96 20.64
N SER A 234 28.73 13.63 19.37
CA SER A 234 28.68 14.64 18.32
C SER A 234 27.78 14.16 17.18
N LEU A 235 26.86 15.02 16.75
CA LEU A 235 25.94 14.67 15.67
C LEU A 235 26.59 14.87 14.30
N VAL A 236 26.67 13.79 13.53
CA VAL A 236 27.22 13.90 12.18
C VAL A 236 26.22 14.63 11.30
N LEU A 237 26.48 15.91 11.04
CA LEU A 237 25.56 16.73 10.26
C LEU A 237 25.97 16.74 8.79
N LEU A 238 27.27 16.62 8.53
CA LEU A 238 27.74 16.54 7.17
C LEU A 238 28.52 15.24 6.97
N GLY A 239 27.91 14.28 6.28
CA GLY A 239 28.58 13.03 5.98
C GLY A 239 29.79 13.26 5.10
N GLU A 240 30.94 13.58 5.72
CA GLU A 240 32.15 13.99 4.98
C GLU A 240 33.32 13.04 5.24
N GLU A 241 34.00 12.65 4.16
CA GLU A 241 35.14 11.74 4.23
C GLU A 241 34.75 10.39 4.82
N LYS A 242 35.49 9.92 5.81
CA LYS A 242 35.25 8.57 6.34
C LYS A 242 33.94 8.46 7.11
N GLU A 243 33.35 9.61 7.42
CA GLU A 243 32.05 9.64 8.08
C GLU A 243 30.92 9.89 7.07
N GLN A 244 31.23 9.72 5.79
CA GLN A 244 30.28 9.98 4.73
C GLN A 244 29.15 8.96 4.71
N SER A 245 29.39 7.81 5.33
CA SER A 245 28.34 6.80 5.46
C SER A 245 27.37 7.15 6.58
N HIS A 246 27.64 8.26 7.27
CA HIS A 246 26.79 8.72 8.36
C HIS A 246 26.06 10.02 8.00
N ARG A 247 26.00 10.32 6.71
CA ARG A 247 25.28 11.50 6.24
C ARG A 247 23.80 11.36 6.58
N PRO A 248 23.26 12.35 7.31
CA PRO A 248 21.88 12.32 7.77
C PRO A 248 20.89 12.33 6.62
N PHE A 249 19.69 11.81 6.83
CA PHE A 249 18.73 11.81 5.73
C PHE A 249 17.27 11.81 6.21
N LEU A 250 16.38 12.30 5.36
CA LEU A 250 14.96 12.27 5.64
C LEU A 250 14.31 11.17 4.81
N LEU A 252 10.66 9.44 3.61
CA LEU A 252 9.26 9.81 3.45
C LEU A 252 8.50 8.76 2.64
N GLN A 253 7.58 8.08 3.31
CA GLN A 253 6.72 7.11 2.65
C GLN A 253 5.31 7.69 2.51
N ALA A 254 4.90 7.90 1.27
CA ALA A 254 3.64 8.59 1.00
C ALA A 254 2.79 7.92 -0.08
N ARG A 255 1.47 8.07 0.07
CA ARG A 255 0.49 7.51 -0.86
C ARG A 255 -0.14 8.59 -1.72
N GLN A 256 -0.79 8.17 -2.81
CA GLN A 256 -1.53 9.09 -3.65
C GLN A 256 -3.03 8.85 -3.54
N SER A 257 -3.74 9.78 -2.91
CA SER A 257 -5.19 9.70 -2.77
C SER A 257 -5.74 11.03 -2.26
N GLY A 268 -9.32 4.50 -18.12
CA GLY A 268 -10.00 4.14 -16.90
C GLY A 268 -11.43 4.64 -16.81
N LEU A 269 -12.24 4.32 -17.81
CA LEU A 269 -13.64 4.75 -17.85
C LEU A 269 -14.60 3.65 -17.40
N GLU A 270 -15.65 4.03 -16.69
CA GLU A 270 -16.70 3.08 -16.37
C GLU A 270 -17.92 3.40 -17.21
N CYS A 271 -18.64 2.37 -17.64
CA CYS A 271 -19.82 2.60 -18.47
C CYS A 271 -20.93 3.20 -17.60
N ASP A 272 -21.18 4.48 -17.81
CA ASP A 272 -22.17 5.24 -17.05
C ASP A 272 -23.33 5.60 -17.98
N GLY A 273 -23.08 6.56 -18.87
CA GLY A 273 -24.00 6.91 -19.93
C GLY A 273 -23.22 7.15 -21.20
N LYS A 274 -21.93 6.86 -21.14
CA LYS A 274 -21.02 6.92 -22.27
C LYS A 274 -21.54 6.02 -23.40
N VAL A 275 -21.58 6.58 -24.61
CA VAL A 275 -22.31 5.94 -25.70
C VAL A 275 -21.58 4.72 -26.28
N ASN A 276 -20.30 4.88 -26.61
CA ASN A 276 -19.58 3.84 -27.32
C ASN A 276 -18.11 3.73 -26.93
N ILE A 277 -17.63 4.67 -26.12
CA ILE A 277 -16.23 4.68 -25.71
C ILE A 277 -15.94 3.44 -24.84
N CYS A 278 -14.69 3.00 -24.85
CA CYS A 278 -14.25 1.82 -24.11
C CYS A 278 -14.34 2.02 -22.59
N CYS A 279 -15.16 1.20 -21.92
CA CYS A 279 -15.37 1.33 -20.48
C CYS A 279 -15.69 0.00 -19.81
N LYS A 280 -15.71 0.01 -18.48
CA LYS A 280 -16.02 -1.18 -17.70
C LYS A 280 -17.47 -1.15 -17.21
N LYS A 281 -18.24 -2.17 -17.58
CA LYS A 281 -19.57 -2.36 -17.05
C LYS A 281 -19.48 -3.24 -15.81
N GLN A 282 -20.06 -2.75 -14.72
CA GLN A 282 -20.06 -3.46 -13.44
C GLN A 282 -21.32 -4.31 -13.31
N PHE A 283 -21.12 -5.59 -13.07
CA PHE A 283 -22.23 -6.52 -12.93
C PHE A 283 -21.96 -7.51 -11.81
N PHE A 284 -22.36 -7.16 -10.60
CA PHE A 284 -22.19 -8.05 -9.45
C PHE A 284 -23.28 -9.10 -9.46
N VAL A 285 -22.88 -10.37 -9.34
CA VAL A 285 -23.84 -11.45 -9.30
C VAL A 285 -23.62 -12.32 -8.08
N SER A 286 -24.61 -12.34 -7.18
CA SER A 286 -24.52 -13.18 -5.99
C SER A 286 -24.83 -14.61 -6.37
N PHE A 287 -24.11 -15.54 -5.75
CA PHE A 287 -24.27 -16.95 -6.07
C PHE A 287 -25.58 -17.49 -5.55
N LYS A 288 -26.14 -16.79 -4.56
CA LYS A 288 -27.42 -17.17 -3.99
C LYS A 288 -28.55 -16.99 -4.98
N ASP A 289 -28.48 -15.91 -5.77
CA ASP A 289 -29.56 -15.56 -6.68
C ASP A 289 -29.55 -16.39 -7.96
N ILE A 290 -28.41 -16.98 -8.29
CA ILE A 290 -28.32 -17.78 -9.50
C ILE A 290 -28.27 -19.26 -9.18
N GLY A 291 -28.64 -19.61 -7.95
CA GLY A 291 -28.69 -21.00 -7.53
C GLY A 291 -27.37 -21.74 -7.55
N TRP A 292 -26.30 -21.07 -7.11
CA TRP A 292 -24.99 -21.69 -7.06
C TRP A 292 -24.39 -21.68 -5.67
N ASN A 293 -25.12 -21.11 -4.71
CA ASN A 293 -24.61 -20.98 -3.35
C ASN A 293 -24.65 -22.31 -2.57
N ASP A 294 -25.01 -23.39 -3.25
CA ASP A 294 -25.01 -24.69 -2.61
C ASP A 294 -23.65 -25.36 -2.73
N TRP A 295 -22.98 -25.18 -3.86
CA TRP A 295 -21.66 -25.78 -4.04
C TRP A 295 -20.54 -24.75 -3.91
N ILE A 296 -20.88 -23.47 -3.98
CA ILE A 296 -19.88 -22.42 -3.77
C ILE A 296 -20.00 -21.91 -2.33
N ILE A 297 -19.01 -22.26 -1.51
CA ILE A 297 -19.01 -21.91 -0.10
C ILE A 297 -18.67 -20.44 0.11
N ALA A 298 -17.72 -19.95 -0.69
CA ALA A 298 -17.26 -18.58 -0.56
C ALA A 298 -16.57 -18.14 -1.86
N PRO A 299 -16.70 -16.85 -2.21
CA PRO A 299 -17.44 -15.81 -1.49
C PRO A 299 -18.94 -15.83 -1.76
N SER A 300 -19.63 -14.75 -1.39
CA SER A 300 -21.07 -14.66 -1.55
C SER A 300 -21.46 -14.34 -2.98
N GLY A 301 -20.63 -13.57 -3.66
CA GLY A 301 -20.90 -13.16 -5.02
C GLY A 301 -19.66 -12.93 -5.84
N TYR A 302 -19.86 -12.51 -7.08
CA TYR A 302 -18.77 -12.32 -8.03
C TYR A 302 -18.95 -11.02 -8.80
N HIS A 303 -17.94 -10.16 -8.74
CA HIS A 303 -17.95 -8.92 -9.50
C HIS A 303 -17.61 -9.18 -10.96
N ALA A 304 -18.63 -9.52 -11.74
CA ALA A 304 -18.44 -9.81 -13.15
C ALA A 304 -18.40 -8.52 -13.98
N ASN A 305 -17.33 -7.76 -13.84
CA ASN A 305 -17.13 -6.54 -14.62
C ASN A 305 -16.54 -6.91 -15.99
N TYR A 306 -16.94 -6.19 -17.03
CA TYR A 306 -16.43 -6.51 -18.36
C TYR A 306 -16.22 -5.27 -19.24
N CYS A 307 -15.42 -5.40 -20.29
CA CYS A 307 -15.08 -4.28 -21.15
C CYS A 307 -16.01 -4.16 -22.36
N GLU A 308 -16.62 -2.99 -22.52
CA GLU A 308 -17.46 -2.75 -23.68
C GLU A 308 -17.11 -1.43 -24.38
N GLY A 309 -17.41 -1.37 -25.68
CA GLY A 309 -17.13 -0.18 -26.44
C GLY A 309 -16.19 -0.44 -27.61
N GLU A 310 -15.92 0.61 -28.39
CA GLU A 310 -15.02 0.48 -29.52
C GLU A 310 -13.81 1.40 -29.32
N CYS A 311 -12.70 1.07 -29.96
CA CYS A 311 -11.48 1.84 -29.81
C CYS A 311 -11.01 2.41 -31.13
N PRO A 312 -10.71 3.71 -31.15
CA PRO A 312 -10.11 4.36 -32.32
C PRO A 312 -8.77 3.74 -32.67
N SER A 313 -8.49 3.63 -33.97
CA SER A 313 -7.30 2.93 -34.45
C SER A 313 -6.04 3.81 -34.41
N HIS A 314 -4.94 3.25 -34.86
CA HIS A 314 -3.65 3.94 -34.89
C HIS A 314 -3.32 4.45 -36.30
N ILE A 315 -4.35 4.83 -37.04
CA ILE A 315 -4.20 5.16 -38.46
C ILE A 315 -3.73 6.61 -38.66
N ALA A 316 -4.10 7.49 -37.71
CA ALA A 316 -3.82 8.92 -37.81
C ALA A 316 -4.49 9.54 -39.03
N ALA A 342 4.20 -1.87 -36.10
CA ALA A 342 3.34 -2.28 -35.00
C ALA A 342 1.97 -2.71 -35.50
N ASN A 343 0.94 -2.53 -34.68
CA ASN A 343 -0.42 -2.90 -35.06
C ASN A 343 -1.34 -1.69 -35.11
N LEU A 344 -2.20 -1.66 -36.12
CA LEU A 344 -3.09 -0.53 -36.36
C LEU A 344 -4.33 -0.57 -35.47
N LYS A 345 -4.98 -1.73 -35.43
CA LYS A 345 -6.24 -1.88 -34.71
C LYS A 345 -6.07 -1.74 -33.20
N SER A 346 -7.14 -1.30 -32.54
CA SER A 346 -7.17 -1.19 -31.09
C SER A 346 -8.46 -1.78 -30.56
N CYS A 347 -8.37 -2.51 -29.46
CA CYS A 347 -9.53 -3.17 -28.88
C CYS A 347 -9.77 -2.71 -27.45
N CYS A 348 -11.04 -2.71 -27.04
CA CYS A 348 -11.37 -2.47 -25.64
C CYS A 348 -10.98 -3.71 -24.86
N VAL A 349 -10.00 -3.54 -23.97
CA VAL A 349 -9.32 -4.66 -23.35
C VAL A 349 -9.06 -4.39 -21.88
N PRO A 350 -9.25 -5.41 -21.03
CA PRO A 350 -8.91 -5.31 -19.61
C PRO A 350 -7.45 -4.94 -19.41
N THR A 351 -7.21 -3.78 -18.82
CA THR A 351 -5.85 -3.30 -18.59
C THR A 351 -5.43 -3.57 -17.14
N LYS A 352 -6.41 -3.74 -16.27
CA LYS A 352 -6.14 -4.02 -14.86
C LYS A 352 -6.94 -5.23 -14.38
N LEU A 353 -6.24 -6.30 -14.05
CA LEU A 353 -6.90 -7.55 -13.64
C LEU A 353 -6.56 -7.93 -12.20
N ARG A 354 -7.56 -8.40 -11.46
CA ARG A 354 -7.38 -8.81 -10.08
C ARG A 354 -7.72 -10.29 -9.90
N PRO A 355 -6.87 -11.03 -9.17
CA PRO A 355 -7.12 -12.45 -8.88
C PRO A 355 -8.15 -12.64 -7.76
N SER A 357 -10.01 -15.73 -5.05
CA SER A 357 -9.98 -17.07 -4.49
C SER A 357 -11.39 -17.60 -4.29
N LEU A 359 -13.81 -21.02 -2.68
CA LEU A 359 -13.94 -22.22 -1.84
C LEU A 359 -15.22 -22.92 -2.23
N TYR A 360 -15.12 -24.14 -2.76
CA TYR A 360 -16.30 -24.79 -3.33
C TYR A 360 -16.29 -26.31 -3.24
N TYR A 361 -17.49 -26.91 -3.26
CA TYR A 361 -17.63 -28.36 -3.37
C TYR A 361 -17.33 -28.81 -4.80
N ASP A 362 -16.30 -29.64 -4.97
CA ASP A 362 -16.06 -30.28 -6.26
C ASP A 362 -17.04 -31.44 -6.41
N ASP A 363 -17.35 -32.06 -5.28
CA ASP A 363 -18.46 -33.01 -5.17
C ASP A 363 -18.86 -33.05 -3.70
N GLY A 364 -19.73 -33.98 -3.34
CA GLY A 364 -20.23 -34.05 -1.98
C GLY A 364 -19.18 -34.30 -0.91
N GLN A 365 -18.01 -34.75 -1.34
CA GLN A 365 -16.97 -35.16 -0.40
C GLN A 365 -15.71 -34.29 -0.48
N ASN A 366 -15.56 -33.54 -1.56
CA ASN A 366 -14.32 -32.79 -1.77
C ASN A 366 -14.54 -31.29 -1.83
N ILE A 367 -13.90 -30.59 -0.90
CA ILE A 367 -13.91 -29.14 -0.89
C ILE A 367 -12.58 -28.68 -1.45
N ILE A 368 -12.63 -27.70 -2.33
CA ILE A 368 -11.42 -27.17 -2.96
C ILE A 368 -11.32 -25.67 -2.69
N LYS A 369 -10.14 -25.27 -2.22
CA LYS A 369 -9.76 -23.88 -2.13
C LYS A 369 -8.81 -23.60 -3.29
N LYS A 370 -9.15 -22.61 -4.11
CA LYS A 370 -8.39 -22.36 -5.32
C LYS A 370 -8.16 -20.87 -5.53
N ASP A 371 -7.01 -20.51 -6.09
CA ASP A 371 -6.72 -19.11 -6.39
C ASP A 371 -6.64 -18.90 -7.90
N ILE A 372 -7.56 -18.10 -8.42
CA ILE A 372 -7.65 -17.90 -9.87
C ILE A 372 -7.14 -16.52 -10.27
N GLN A 373 -6.22 -16.48 -11.23
CA GLN A 373 -5.70 -15.19 -11.72
C GLN A 373 -6.60 -14.61 -12.80
N ASN A 374 -6.49 -13.29 -13.00
CA ASN A 374 -7.23 -12.58 -14.04
C ASN A 374 -8.74 -12.81 -13.96
N ILE A 376 -11.11 -10.98 -11.92
CA ILE A 376 -11.90 -9.75 -11.84
C ILE A 376 -11.24 -8.65 -12.66
N VAL A 377 -12.03 -8.02 -13.52
CA VAL A 377 -11.56 -6.88 -14.30
C VAL A 377 -11.77 -5.61 -13.49
N GLU A 378 -10.68 -4.86 -13.27
CA GLU A 378 -10.75 -3.62 -12.51
C GLU A 378 -10.76 -2.40 -13.42
N GLU A 379 -10.02 -2.45 -14.52
CA GLU A 379 -10.04 -1.35 -15.46
C GLU A 379 -9.98 -1.82 -16.90
N CYS A 380 -10.59 -1.05 -17.79
CA CYS A 380 -10.56 -1.32 -19.23
C CYS A 380 -9.92 -0.15 -19.96
N GLY A 381 -9.25 -0.45 -21.08
CA GLY A 381 -8.63 0.58 -21.89
C GLY A 381 -8.41 0.14 -23.32
N CYS A 382 -8.00 1.07 -24.18
CA CYS A 382 -7.74 0.74 -25.57
C CYS A 382 -6.31 0.23 -25.74
N SER A 383 -6.18 -0.91 -26.41
CA SER A 383 -4.87 -1.53 -26.63
C SER A 383 -4.04 -0.70 -27.60
#